data_8BEV
#
_entry.id   8BEV
#
_cell.length_a   1.00
_cell.length_b   1.00
_cell.length_c   1.00
_cell.angle_alpha   90.00
_cell.angle_beta   90.00
_cell.angle_gamma   90.00
#
_symmetry.space_group_name_H-M   'P 1'
#
loop_
_entity.id
_entity.type
_entity.pdbx_description
1 polymer 'Spike glycoprotein'
2 polymer 'immunoglobulin mu heavy chain'
3 branched beta-D-mannopyranose-(1-4)-2-acetamido-2-deoxy-beta-D-glucopyranose-(1-4)-2-acetamido-2-deoxy-beta-D-glucopyranose
4 branched 2-acetamido-2-deoxy-beta-D-glucopyranose-(1-4)-2-acetamido-2-deoxy-beta-D-glucopyranose
5 non-polymer 2-acetamido-2-deoxy-beta-D-glucopyranose
#
loop_
_entity_poly.entity_id
_entity_poly.type
_entity_poly.pdbx_seq_one_letter_code
_entity_poly.pdbx_strand_id
1 'polypeptide(L)'
;MFVFLVLLPLVSSQCVNLTTRTQLPPAYTNSFTRGVYYPDKVFRSSVLHSTQDLFLPFFSNVTWFHAIHVSGTNGTKRFD
NPVLPFNDGVYFASTEKSNIIRGWIFGTTLDSKTQSLLIVNNATNVVIKVCEFQFCNDPFLGVYYHKNNKSWMESEFRVY
SSANNCTFEYVSQPFLMDLEGKQGNFKNLREFVFKNIDGYFKIYSKHTPINLVRDLPQGFSALEPLVDLPIGINITRFQT
LLALHRSYLTPGDSSSGWTAGAAAYYVGYLQPRTFLLKYNENGTITDAVDCALDPLSETKCTLKSFTVEKGIYQTSNFRV
QPTESIVRFPNITNLCPFGEVFNATRFASVYAWNRKRISNCVADYSVLYNSASFSTFKCYGVSPTKLNDLCFTNVYADSF
VIRGDEVRQIAPGQTGKIADYNYKLPDDFTGCVIAWNSNNLDSKVGGNYNYLYRLFRKSNLKPFERDISTEIYQAGSTPC
NGVEGFNCYFPLQSYGFQPTNGVGYQPYRVVVLSFELLHAPATVCGPKKSTNLVKNKCVNFNFNGLTGTGVLTESNKKFL
PFQQFGRDIADTTDAVRDPQTLEILDITPCSFGGVSVITPGTNTSNQVAVLYQDVNCTEVPVAIHADQLTPTWRVYSTGS
NVFQTRAGCLIGAEHVNNSYECDIPIGAGICASYQTQTNSPGSASSVASQSIIAYTMSLGAENSVAYSNNSIAIPTNFTI
SVTTEILPVSMTKTSVDCTMYICGDSTECSNLLLQYGSFCTQLNRALTGIAVEQDKNTQEVFAQVKQIYKTPPIKDFGGF
NFSQILPDPSKPSKRSPIEDLLFNKVTLADAGFIKQYGDCLGDIAARDLICAQKFNGLTVLPPLLTDEMIAQYTSALLAG
TITSGWTFGAGPALQIPFPMQMAYRFNGIGVTQNVLYENQKLIANQFNSAIGKIQDSLSSTPSALGKLQDVVNQNAQALN
TLVKQLSSNFGAISSVLNDILSRLDPPEAEVQIDRLITGRLQSLQTYVTQQLIRAAEIRASANLAATKMSECVLGQSKRV
DFCGKGYHLMSFPQSAPHGVVFLHVTYVPAQEKNFTTAPAICHDGKAHFPREGVFVSNGTHWFVTQRNFYEPQIITTDNT
FVSGNCDVVIGIVNNTVYDPLQPELDSFKEELDKYFKNHTSPDVDLGDISGINASVVNIQKEIDRLNEVAKNLNESLIDL
QELGKYEQGSGYIPEAPRDGQAYVRKDGEWVLLSTFLGRSLEVLFQGPGHHHHHHHHSAWSHPQFEK
;
A,C
2 'polypeptide(L)'
;MKYLLPTAAAGLLLLAAQPAMAQVQLVESGGGLVQPGESLRLSCAASGSIFGIYAVHWFRMAPGKEREFTAGFGSHGSTN
YAASVKGRFTMSRDNAKNTTYLQMNSLKPADTAVYYCHALIKNELGFLDYWGPGTQVTVSSAAAHHHHHHGAAEQKLISE
EDLNGAA
;
B
#
loop_
_chem_comp.id
_chem_comp.type
_chem_comp.name
_chem_comp.formula
BMA D-saccharide, beta linking beta-D-mannopyranose 'C6 H12 O6'
NAG D-saccharide, beta linking 2-acetamido-2-deoxy-beta-D-glucopyranose 'C8 H15 N O6'
#
# COMPACT_ATOMS: atom_id res chain seq x y z
N LEU A 335 -17.81 -0.82 -1.46
CA LEU A 335 -17.62 0.22 -2.47
C LEU A 335 -16.37 1.04 -2.18
N CYS A 336 -15.24 0.62 -2.75
CA CYS A 336 -14.00 1.35 -2.54
C CYS A 336 -14.04 2.69 -3.27
N PRO A 337 -13.37 3.72 -2.73
CA PRO A 337 -13.51 5.09 -3.24
C PRO A 337 -12.85 5.32 -4.60
N PHE A 338 -13.52 4.87 -5.66
CA PHE A 338 -13.10 5.22 -7.00
C PHE A 338 -13.39 6.69 -7.31
N GLY A 339 -14.29 7.30 -6.55
CA GLY A 339 -14.66 8.68 -6.81
C GLY A 339 -13.69 9.69 -6.22
N GLU A 340 -12.97 9.30 -5.17
CA GLU A 340 -12.13 10.25 -4.46
C GLU A 340 -10.98 10.73 -5.33
N VAL A 341 -10.44 9.85 -6.18
CA VAL A 341 -9.41 10.29 -7.12
C VAL A 341 -9.99 11.29 -8.10
N PHE A 342 -11.25 11.10 -8.50
CA PHE A 342 -11.91 12.09 -9.35
C PHE A 342 -12.11 13.40 -8.61
N ASN A 343 -12.23 13.33 -7.28
CA ASN A 343 -12.49 14.50 -6.45
C ASN A 343 -11.32 14.85 -5.54
N ALA A 344 -10.13 14.34 -5.85
CA ALA A 344 -8.94 14.70 -5.08
C ALA A 344 -8.63 16.18 -5.26
N THR A 345 -8.07 16.79 -4.22
CA THR A 345 -7.82 18.23 -4.24
C THR A 345 -6.85 18.62 -5.34
N ARG A 346 -5.74 17.89 -5.46
CA ARG A 346 -4.71 18.19 -6.44
C ARG A 346 -4.03 16.90 -6.88
N PHE A 347 -3.71 16.81 -8.17
CA PHE A 347 -3.15 15.57 -8.69
C PHE A 347 -1.62 15.65 -8.73
N ALA A 348 -1.01 14.50 -9.01
CA ALA A 348 0.44 14.37 -9.03
C ALA A 348 1.02 14.98 -10.31
N SER A 349 2.33 15.16 -10.30
CA SER A 349 3.02 15.71 -11.46
C SER A 349 3.20 14.63 -12.54
N VAL A 350 3.70 15.07 -13.70
CA VAL A 350 3.96 14.13 -14.79
C VAL A 350 5.11 13.20 -14.44
N TYR A 351 6.23 13.79 -13.98
CA TYR A 351 7.43 12.99 -13.72
C TYR A 351 7.22 12.02 -12.56
N ALA A 352 6.50 12.45 -11.53
CA ALA A 352 6.19 11.61 -10.39
C ALA A 352 4.70 11.34 -10.37
N TRP A 353 4.33 10.08 -10.61
CA TRP A 353 2.92 9.70 -10.69
C TRP A 353 2.58 8.83 -9.50
N ASN A 354 1.53 9.20 -8.79
CA ASN A 354 1.07 8.45 -7.63
C ASN A 354 0.16 7.29 -8.05
N ARG A 355 0.47 6.11 -7.53
CA ARG A 355 -0.29 4.91 -7.88
C ARG A 355 -1.13 4.41 -6.74
N LYS A 356 -2.42 4.30 -6.98
CA LYS A 356 -3.32 3.80 -5.97
C LYS A 356 -3.96 2.52 -6.47
N ARG A 357 -3.91 1.47 -5.65
CA ARG A 357 -4.46 0.19 -6.07
C ARG A 357 -5.71 -0.11 -5.27
N ILE A 358 -6.78 -0.46 -5.96
CA ILE A 358 -8.04 -0.73 -5.27
C ILE A 358 -8.42 -2.20 -5.36
N SER A 359 -8.73 -2.80 -4.22
CA SER A 359 -9.05 -4.23 -4.18
C SER A 359 -10.09 -4.54 -3.10
N ASN A 360 -10.54 -5.79 -3.04
CA ASN A 360 -11.51 -6.19 -2.02
C ASN A 360 -12.70 -5.24 -1.99
N CYS A 361 -13.15 -4.83 -3.18
CA CYS A 361 -14.24 -3.87 -3.29
C CYS A 361 -14.99 -4.11 -4.59
N VAL A 362 -16.20 -3.59 -4.65
CA VAL A 362 -16.99 -3.59 -5.87
C VAL A 362 -16.68 -2.32 -6.65
N ALA A 363 -16.47 -2.46 -7.96
CA ALA A 363 -16.11 -1.34 -8.81
C ALA A 363 -17.31 -0.91 -9.63
N ASP A 364 -17.55 0.40 -9.68
CA ASP A 364 -18.66 0.98 -10.43
C ASP A 364 -18.11 1.79 -11.60
N TYR A 365 -18.58 1.47 -12.80
CA TYR A 365 -18.20 2.18 -14.01
C TYR A 365 -19.29 3.14 -14.46
N SER A 366 -20.31 3.38 -13.62
CA SER A 366 -21.38 4.30 -13.98
C SER A 366 -20.85 5.71 -14.20
N VAL A 367 -19.95 6.16 -13.33
CA VAL A 367 -19.34 7.47 -13.51
C VAL A 367 -18.59 7.54 -14.83
N LEU A 368 -17.94 6.44 -15.21
CA LEU A 368 -17.21 6.41 -16.46
C LEU A 368 -18.14 6.29 -17.66
N TYR A 369 -19.36 5.81 -17.45
CA TYR A 369 -20.35 5.84 -18.52
C TYR A 369 -20.65 7.28 -18.92
N ASN A 370 -20.71 8.18 -17.94
CA ASN A 370 -20.77 9.60 -18.25
C ASN A 370 -19.38 10.08 -18.69
N SER A 371 -19.36 11.03 -19.62
CA SER A 371 -18.10 11.57 -20.11
C SER A 371 -17.39 12.34 -19.01
N ALA A 372 -16.06 12.19 -18.96
CA ALA A 372 -15.27 12.93 -17.97
C ALA A 372 -15.38 14.43 -18.18
N SER A 373 -15.31 14.87 -19.43
CA SER A 373 -15.45 16.28 -19.78
C SER A 373 -16.01 16.36 -21.18
N PHE A 374 -15.88 17.54 -21.81
CA PHE A 374 -16.17 17.65 -23.23
C PHE A 374 -15.31 16.70 -24.05
N SER A 375 -14.09 16.43 -23.58
CA SER A 375 -13.24 15.46 -24.22
C SER A 375 -13.65 14.04 -23.86
N THR A 376 -13.93 13.23 -24.87
CA THR A 376 -14.29 11.84 -24.62
C THR A 376 -13.05 11.02 -24.29
N PHE A 377 -13.12 10.28 -23.19
CA PHE A 377 -11.98 9.49 -22.74
C PHE A 377 -11.71 8.35 -23.70
N LYS A 378 -10.44 8.06 -23.92
CA LYS A 378 -10.02 6.90 -24.68
C LYS A 378 -9.76 5.76 -23.71
N CYS A 379 -10.53 4.68 -23.82
CA CYS A 379 -10.45 3.57 -22.89
C CYS A 379 -10.09 2.32 -23.66
N TYR A 380 -8.86 1.84 -23.47
CA TYR A 380 -8.31 0.77 -24.27
C TYR A 380 -8.76 -0.59 -23.77
N GLY A 381 -8.49 -1.62 -24.56
CA GLY A 381 -8.83 -2.97 -24.17
C GLY A 381 -10.32 -3.22 -24.34
N VAL A 382 -10.95 -3.68 -23.25
CA VAL A 382 -12.37 -4.01 -23.30
C VAL A 382 -13.21 -2.77 -23.55
N SER A 383 -14.41 -2.98 -24.07
CA SER A 383 -15.29 -1.88 -24.42
C SER A 383 -15.72 -1.11 -23.16
N PRO A 384 -15.83 0.21 -23.25
CA PRO A 384 -16.33 0.98 -22.10
C PRO A 384 -17.74 0.59 -21.69
N THR A 385 -18.58 0.20 -22.65
CA THR A 385 -19.95 -0.19 -22.32
C THR A 385 -20.02 -1.55 -21.64
N LYS A 386 -18.95 -2.34 -21.72
CA LYS A 386 -18.93 -3.70 -21.20
C LYS A 386 -18.22 -3.78 -19.85
N LEU A 387 -17.74 -2.64 -19.34
CA LEU A 387 -16.85 -2.63 -18.19
C LEU A 387 -17.49 -3.26 -16.96
N ASN A 388 -18.79 -3.02 -16.75
CA ASN A 388 -19.45 -3.54 -15.55
C ASN A 388 -19.34 -5.06 -15.46
N ASP A 389 -19.27 -5.73 -16.62
CA ASP A 389 -19.15 -7.18 -16.61
C ASP A 389 -17.73 -7.62 -16.27
N LEU A 390 -16.74 -6.75 -16.49
CA LEU A 390 -15.35 -7.12 -16.27
C LEU A 390 -15.07 -7.38 -14.79
N CYS A 391 -14.06 -8.20 -14.53
CA CYS A 391 -13.55 -8.46 -13.20
C CYS A 391 -12.02 -8.50 -13.26
N PHE A 392 -11.39 -7.57 -12.56
CA PHE A 392 -9.94 -7.43 -12.57
C PHE A 392 -9.37 -7.84 -11.22
N THR A 393 -8.24 -8.55 -11.24
CA THR A 393 -7.60 -8.94 -9.99
C THR A 393 -7.09 -7.73 -9.22
N ASN A 394 -6.59 -6.73 -9.95
CA ASN A 394 -6.14 -5.50 -9.30
C ASN A 394 -6.18 -4.30 -10.24
N VAL A 395 -6.61 -3.15 -9.71
CA VAL A 395 -6.69 -1.95 -10.53
C VAL A 395 -5.73 -0.90 -10.00
N TYR A 396 -4.90 -0.35 -10.88
CA TYR A 396 -3.93 0.66 -10.45
C TYR A 396 -4.28 2.02 -11.03
N ALA A 397 -4.47 3.01 -10.17
CA ALA A 397 -4.88 4.33 -10.62
C ALA A 397 -3.70 5.29 -10.50
N ASP A 398 -3.46 6.04 -11.57
CA ASP A 398 -2.41 7.06 -11.62
C ASP A 398 -3.04 8.38 -12.02
N SER A 399 -2.75 9.44 -11.27
CA SER A 399 -3.32 10.76 -11.49
C SER A 399 -2.21 11.73 -11.84
N PHE A 400 -2.43 12.55 -12.88
CA PHE A 400 -1.44 13.51 -13.32
C PHE A 400 -2.08 14.53 -14.26
N VAL A 401 -1.45 15.69 -14.38
CA VAL A 401 -1.96 16.79 -15.19
C VAL A 401 -1.04 16.97 -16.39
N ILE A 402 -1.61 17.03 -17.60
CA ILE A 402 -0.83 17.14 -18.82
C ILE A 402 -1.50 18.11 -19.78
N ARG A 403 -0.68 18.76 -20.61
CA ARG A 403 -1.21 19.66 -21.61
C ARG A 403 -2.07 18.92 -22.62
N GLY A 404 -3.06 19.62 -23.18
CA GLY A 404 -4.01 18.98 -24.07
C GLY A 404 -3.37 18.41 -25.32
N ASP A 405 -2.22 18.95 -25.72
CA ASP A 405 -1.56 18.48 -26.94
C ASP A 405 -1.07 17.04 -26.78
N GLU A 406 -0.54 16.71 -25.61
CA GLU A 406 0.10 15.42 -25.38
C GLU A 406 -0.85 14.35 -24.87
N VAL A 407 -2.14 14.65 -24.74
CA VAL A 407 -3.08 13.64 -24.25
C VAL A 407 -3.20 12.50 -25.25
N ARG A 408 -3.10 12.81 -26.55
CA ARG A 408 -3.15 11.76 -27.56
C ARG A 408 -1.92 10.87 -27.48
N GLN A 409 -0.81 11.41 -26.96
CA GLN A 409 0.44 10.66 -26.93
C GLN A 409 0.33 9.40 -26.10
N ILE A 410 -0.34 9.48 -24.95
CA ILE A 410 -0.47 8.32 -24.06
C ILE A 410 -1.33 7.26 -24.72
N ALA A 411 -0.74 6.10 -24.94
CA ALA A 411 -1.36 4.95 -25.59
C ALA A 411 -0.46 3.75 -25.31
N PRO A 412 -0.93 2.52 -25.53
CA PRO A 412 -0.09 1.37 -25.21
C PRO A 412 1.14 1.27 -26.11
N GLY A 413 2.30 1.55 -25.52
CA GLY A 413 3.57 1.22 -26.16
C GLY A 413 3.87 1.98 -27.43
N GLN A 414 4.12 3.28 -27.32
CA GLN A 414 4.63 4.09 -28.43
C GLN A 414 5.83 4.88 -27.95
N THR A 415 6.87 4.95 -28.77
CA THR A 415 8.07 5.70 -28.41
C THR A 415 7.72 7.19 -28.41
N GLY A 416 7.58 7.76 -27.22
CA GLY A 416 7.23 9.15 -27.07
C GLY A 416 7.94 9.78 -25.90
N LYS A 417 7.92 11.11 -25.86
CA LYS A 417 8.64 11.85 -24.83
C LYS A 417 8.13 11.46 -23.43
N ILE A 418 6.81 11.45 -23.26
CA ILE A 418 6.25 11.04 -21.98
C ILE A 418 6.57 9.57 -21.71
N ALA A 419 6.45 8.73 -22.75
CA ALA A 419 6.74 7.31 -22.59
C ALA A 419 8.22 7.09 -22.29
N ASP A 420 9.09 7.78 -23.01
CA ASP A 420 10.53 7.52 -22.86
C ASP A 420 11.09 8.12 -21.58
N TYR A 421 10.54 9.23 -21.10
CA TYR A 421 11.14 9.97 -20.00
C TYR A 421 10.20 10.21 -18.83
N ASN A 422 8.89 10.22 -19.04
CA ASN A 422 7.95 10.60 -18.00
C ASN A 422 7.12 9.42 -17.48
N TYR A 423 6.43 8.72 -18.36
CA TYR A 423 5.58 7.61 -17.93
C TYR A 423 5.37 6.67 -19.11
N LYS A 424 5.79 5.42 -18.97
CA LYS A 424 5.72 4.43 -20.03
C LYS A 424 4.63 3.42 -19.72
N LEU A 425 3.84 3.09 -20.73
CA LEU A 425 2.76 2.11 -20.78
C LEU A 425 3.16 0.95 -21.69
N PRO A 426 2.89 -0.29 -21.27
CA PRO A 426 3.32 -1.45 -22.07
C PRO A 426 2.73 -1.43 -23.47
N ASP A 427 3.33 -2.25 -24.34
CA ASP A 427 3.07 -2.22 -25.78
C ASP A 427 1.60 -2.47 -26.12
N ASP A 428 0.99 -3.47 -25.49
CA ASP A 428 -0.41 -3.79 -25.70
C ASP A 428 -1.07 -3.88 -24.33
N PHE A 429 -1.88 -2.88 -23.99
CA PHE A 429 -2.43 -2.76 -22.65
C PHE A 429 -3.94 -2.50 -22.72
N THR A 430 -4.67 -3.07 -21.77
CA THR A 430 -6.12 -2.98 -21.71
C THR A 430 -6.61 -1.92 -20.72
N GLY A 431 -5.72 -1.11 -20.18
CA GLY A 431 -6.11 -0.13 -19.17
C GLY A 431 -7.05 0.91 -19.73
N CYS A 432 -7.64 1.69 -18.82
CA CYS A 432 -8.67 2.65 -19.18
C CYS A 432 -8.19 4.05 -18.79
N VAL A 433 -8.17 4.96 -19.76
CA VAL A 433 -7.65 6.31 -19.56
C VAL A 433 -8.82 7.26 -19.46
N ILE A 434 -8.82 8.11 -18.44
CA ILE A 434 -9.88 9.09 -18.21
C ILE A 434 -9.23 10.46 -18.18
N ALA A 435 -9.64 11.35 -19.08
CA ALA A 435 -9.09 12.69 -19.16
C ALA A 435 -10.21 13.71 -19.13
N TRP A 436 -10.10 14.70 -18.25
CA TRP A 436 -11.09 15.75 -18.13
C TRP A 436 -10.38 17.09 -18.00
N ASN A 437 -10.83 18.08 -18.78
CA ASN A 437 -10.18 19.38 -18.80
C ASN A 437 -10.27 20.05 -17.43
N SER A 438 -9.15 20.63 -17.01
CA SER A 438 -9.08 21.37 -15.76
C SER A 438 -8.36 22.71 -15.91
N ASN A 439 -8.38 23.29 -17.11
CA ASN A 439 -7.66 24.53 -17.37
C ASN A 439 -8.15 25.64 -16.45
N ASN A 440 -9.47 25.70 -16.23
CA ASN A 440 -10.03 26.76 -15.39
C ASN A 440 -9.47 26.72 -13.97
N LEU A 441 -9.55 25.55 -13.33
CA LEU A 441 -9.06 25.44 -11.95
C LEU A 441 -7.54 25.47 -11.90
N ASP A 442 -6.89 24.74 -12.80
CA ASP A 442 -5.44 24.54 -12.71
C ASP A 442 -4.67 25.81 -13.06
N SER A 443 -5.00 26.45 -14.19
CA SER A 443 -4.15 27.52 -14.70
C SER A 443 -4.16 28.73 -13.78
N LYS A 444 -3.02 29.41 -13.72
CA LYS A 444 -2.85 30.63 -12.95
C LYS A 444 -2.32 31.73 -13.86
N VAL A 445 -2.82 32.95 -13.66
CA VAL A 445 -2.32 34.09 -14.43
C VAL A 445 -0.83 34.30 -14.13
N GLY A 446 -0.45 34.23 -12.86
CA GLY A 446 0.97 34.27 -12.53
C GLY A 446 1.69 33.01 -12.95
N GLY A 447 0.94 31.95 -13.18
CA GLY A 447 1.51 30.68 -13.62
C GLY A 447 1.77 29.75 -12.45
N ASN A 448 1.28 28.52 -12.58
CA ASN A 448 1.48 27.49 -11.57
C ASN A 448 2.47 26.46 -12.12
N TYR A 449 3.69 26.49 -11.59
CA TYR A 449 4.74 25.58 -12.00
C TYR A 449 4.83 24.36 -11.10
N ASN A 450 3.70 23.92 -10.54
CA ASN A 450 3.68 22.83 -9.58
C ASN A 450 4.12 21.51 -10.21
N TYR A 451 4.13 21.46 -11.54
CA TYR A 451 4.31 20.21 -12.27
C TYR A 451 5.42 20.37 -13.31
N LEU A 452 6.21 19.31 -13.48
CA LEU A 452 7.30 19.27 -14.44
C LEU A 452 7.21 18.01 -15.27
N TYR A 453 7.97 17.99 -16.37
CA TYR A 453 8.08 16.80 -17.19
C TYR A 453 9.56 16.55 -17.46
N ARG A 454 9.88 15.30 -17.75
CA ARG A 454 11.21 14.91 -18.19
C ARG A 454 11.18 14.72 -19.70
N LEU A 455 12.15 15.34 -20.39
CA LEU A 455 12.29 15.20 -21.83
C LEU A 455 13.66 14.69 -22.24
N PHE A 456 14.54 14.41 -21.29
CA PHE A 456 15.93 14.08 -21.56
C PHE A 456 16.28 12.78 -20.85
N ARG A 457 16.86 11.82 -21.59
CA ARG A 457 17.36 10.60 -21.00
C ARG A 457 18.24 9.88 -22.01
N LYS A 458 19.29 9.22 -21.49
CA LYS A 458 20.16 8.41 -22.34
C LYS A 458 19.53 7.09 -22.74
N SER A 459 18.60 6.58 -21.93
CA SER A 459 18.05 5.24 -22.17
C SER A 459 16.53 5.29 -22.29
N ASN A 460 15.91 4.13 -22.34
CA ASN A 460 14.47 4.01 -22.49
C ASN A 460 13.82 3.67 -21.16
N LEU A 461 12.55 4.04 -21.03
CA LEU A 461 11.80 3.83 -19.80
C LEU A 461 11.03 2.52 -19.89
N LYS A 462 11.21 1.67 -18.89
CA LYS A 462 10.44 0.44 -18.81
C LYS A 462 8.98 0.77 -18.48
N PRO A 463 8.05 -0.13 -18.77
CA PRO A 463 6.65 0.12 -18.41
C PRO A 463 6.44 0.14 -16.90
N PHE A 464 5.84 1.22 -16.41
CA PHE A 464 5.40 1.34 -15.01
C PHE A 464 6.58 1.34 -14.03
N GLU A 465 7.50 2.29 -14.20
CA GLU A 465 8.49 2.61 -13.18
C GLU A 465 8.60 4.13 -13.08
N ARG A 466 8.19 4.66 -11.94
CA ARG A 466 8.28 6.11 -11.71
C ARG A 466 9.74 6.52 -11.55
N ASP A 467 10.14 7.54 -12.31
CA ASP A 467 11.52 8.00 -12.33
C ASP A 467 11.60 9.35 -11.65
N ILE A 468 12.21 9.39 -10.47
CA ILE A 468 12.37 10.65 -9.77
C ILE A 468 13.80 11.13 -9.84
N SER A 469 14.63 10.47 -10.66
CA SER A 469 16.03 10.83 -10.71
C SER A 469 16.27 12.23 -11.24
N THR A 470 17.15 12.97 -10.57
CA THR A 470 17.50 14.33 -11.01
C THR A 470 18.93 14.39 -11.54
N GLU A 471 19.53 13.24 -11.85
CA GLU A 471 20.93 13.21 -12.26
C GLU A 471 21.21 13.97 -13.56
N ILE A 472 22.35 14.67 -13.60
CA ILE A 472 22.71 15.48 -14.77
C ILE A 472 22.56 14.80 -16.13
N TYR A 473 21.97 15.52 -17.08
CA TYR A 473 21.80 15.00 -18.44
C TYR A 473 22.73 15.75 -19.38
N GLN A 474 23.22 15.05 -20.40
CA GLN A 474 24.15 15.62 -21.37
C GLN A 474 23.61 15.39 -22.78
N ALA A 475 22.98 16.40 -23.37
CA ALA A 475 22.62 16.31 -24.78
C ALA A 475 23.87 16.17 -25.64
N GLY A 476 24.91 16.93 -25.34
CA GLY A 476 26.19 16.71 -25.96
C GLY A 476 26.84 15.43 -25.45
N SER A 477 27.82 14.95 -26.23
CA SER A 477 28.48 13.69 -25.87
C SER A 477 29.27 13.82 -24.58
N THR A 478 29.99 14.92 -24.41
CA THR A 478 30.89 15.05 -23.27
C THR A 478 30.11 15.32 -21.99
N PRO A 479 30.33 14.53 -20.94
CA PRO A 479 29.69 14.82 -19.65
C PRO A 479 30.33 16.02 -18.96
N CYS A 480 29.56 16.64 -18.08
CA CYS A 480 30.07 17.72 -17.24
C CYS A 480 29.66 17.47 -15.80
N ASN A 481 30.44 18.00 -14.88
CA ASN A 481 30.10 17.95 -13.46
C ASN A 481 29.68 19.33 -12.99
N GLY A 482 28.55 19.39 -12.29
CA GLY A 482 27.97 20.67 -11.90
C GLY A 482 26.93 21.21 -12.85
N VAL A 483 26.40 20.38 -13.74
CA VAL A 483 25.31 20.70 -14.67
C VAL A 483 25.55 22.04 -15.36
N GLU A 484 26.72 22.18 -15.99
CA GLU A 484 27.01 23.36 -16.80
C GLU A 484 26.01 23.50 -17.93
N GLY A 485 25.57 24.73 -18.17
CA GLY A 485 24.42 24.95 -19.04
C GLY A 485 24.63 24.51 -20.47
N PHE A 486 25.63 25.07 -21.15
CA PHE A 486 25.79 24.81 -22.58
C PHE A 486 26.21 23.38 -22.85
N ASN A 487 26.78 22.70 -21.86
CA ASN A 487 27.19 21.31 -22.06
C ASN A 487 26.10 20.34 -21.60
N CYS A 488 25.52 20.59 -20.42
CA CYS A 488 24.56 19.69 -19.80
C CYS A 488 23.23 20.39 -19.65
N TYR A 489 22.15 19.72 -20.05
CA TYR A 489 20.81 20.29 -20.07
C TYR A 489 19.92 19.47 -19.15
N PHE A 490 19.28 20.15 -18.19
CA PHE A 490 18.47 19.44 -17.20
C PHE A 490 17.26 18.74 -17.79
N PRO A 491 17.05 17.48 -17.39
CA PRO A 491 15.93 16.73 -17.97
C PRO A 491 14.56 17.26 -17.61
N LEU A 492 14.41 17.90 -16.46
CA LEU A 492 13.10 18.31 -16.00
C LEU A 492 12.83 19.78 -16.35
N GLN A 493 11.64 20.05 -16.88
CA GLN A 493 11.23 21.41 -17.19
C GLN A 493 9.77 21.56 -16.81
N SER A 494 9.41 22.75 -16.30
CA SER A 494 8.10 22.93 -15.68
C SER A 494 7.02 23.30 -16.69
N TYR A 495 5.77 23.08 -16.28
CA TYR A 495 4.60 23.57 -16.99
C TYR A 495 4.24 24.96 -16.47
N GLY A 496 4.18 25.94 -17.38
CA GLY A 496 3.75 27.27 -16.99
C GLY A 496 2.28 27.33 -16.60
N PHE A 497 1.42 26.70 -17.40
CA PHE A 497 -0.03 26.75 -17.19
C PHE A 497 -0.55 28.18 -17.08
N GLN A 498 -0.07 29.05 -17.96
CA GLN A 498 -0.76 30.29 -18.23
C GLN A 498 -2.01 30.00 -19.05
N PRO A 499 -3.13 30.67 -18.73
CA PRO A 499 -4.38 30.40 -19.46
C PRO A 499 -4.22 30.76 -20.93
N THR A 500 -4.27 29.74 -21.79
CA THR A 500 -4.02 29.90 -23.21
C THR A 500 -5.20 29.36 -24.00
N ASN A 501 -5.58 30.10 -25.04
CA ASN A 501 -6.72 29.70 -25.86
C ASN A 501 -6.45 28.39 -26.59
N GLY A 502 -5.21 28.17 -27.02
CA GLY A 502 -4.86 26.96 -27.74
C GLY A 502 -5.17 25.70 -26.95
N VAL A 503 -5.95 24.79 -27.57
CA VAL A 503 -6.41 23.61 -26.85
C VAL A 503 -5.25 22.70 -26.50
N GLY A 504 -4.19 22.71 -27.31
CA GLY A 504 -3.04 21.87 -27.03
C GLY A 504 -2.37 22.22 -25.71
N TYR A 505 -2.32 23.51 -25.38
CA TYR A 505 -1.65 23.94 -24.16
C TYR A 505 -2.56 23.77 -22.94
N GLN A 506 -3.87 23.68 -23.15
CA GLN A 506 -4.79 23.61 -22.02
C GLN A 506 -4.55 22.33 -21.23
N PRO A 507 -4.41 22.43 -19.91
CA PRO A 507 -4.12 21.24 -19.09
C PRO A 507 -5.38 20.44 -18.76
N TYR A 508 -5.25 19.13 -18.96
CA TYR A 508 -6.28 18.17 -18.61
C TYR A 508 -5.78 17.32 -17.44
N ARG A 509 -6.66 17.06 -16.49
CA ARG A 509 -6.38 16.08 -15.45
C ARG A 509 -6.71 14.69 -15.96
N VAL A 510 -5.73 13.79 -15.89
CA VAL A 510 -5.83 12.47 -16.49
C VAL A 510 -5.49 11.42 -15.42
N VAL A 511 -6.35 10.41 -15.32
CA VAL A 511 -6.11 9.25 -14.47
C VAL A 511 -6.15 8.01 -15.35
N VAL A 512 -5.12 7.18 -15.23
CA VAL A 512 -5.04 5.93 -15.97
C VAL A 512 -5.31 4.79 -15.01
N LEU A 513 -6.06 3.79 -15.49
CA LEU A 513 -6.46 2.63 -14.70
C LEU A 513 -5.81 1.40 -15.32
N SER A 514 -4.71 0.97 -14.73
CA SER A 514 -4.05 -0.27 -15.10
C SER A 514 -4.84 -1.46 -14.57
N PHE A 515 -5.06 -2.45 -15.44
CA PHE A 515 -5.75 -3.68 -15.08
C PHE A 515 -4.83 -4.86 -15.32
N GLU A 516 -4.83 -5.79 -14.37
CA GLU A 516 -3.99 -6.99 -14.48
C GLU A 516 -4.79 -8.19 -14.01
N LEU A 517 -4.46 -9.35 -14.58
CA LEU A 517 -5.12 -10.60 -14.27
C LEU A 517 -4.08 -11.68 -14.02
N LEU A 518 -4.31 -12.51 -13.01
CA LEU A 518 -3.44 -13.63 -12.71
C LEU A 518 -4.28 -14.74 -12.09
N HIS A 519 -3.61 -15.73 -11.49
CA HIS A 519 -4.31 -16.87 -10.91
C HIS A 519 -5.20 -16.49 -9.74
N ALA A 520 -4.93 -15.37 -9.09
CA ALA A 520 -5.74 -14.96 -7.95
C ALA A 520 -7.13 -14.55 -8.42
N PRO A 521 -8.15 -14.70 -7.56
CA PRO A 521 -9.51 -14.27 -7.94
C PRO A 521 -9.57 -12.76 -8.12
N ALA A 522 -10.47 -12.32 -9.01
CA ALA A 522 -10.58 -10.91 -9.33
C ALA A 522 -11.39 -10.17 -8.27
N THR A 523 -10.88 -9.02 -7.83
CA THR A 523 -11.57 -8.25 -6.80
C THR A 523 -12.76 -7.49 -7.38
N VAL A 524 -12.66 -7.09 -8.65
CA VAL A 524 -13.71 -6.25 -9.24
C VAL A 524 -15.01 -7.03 -9.34
N CYS A 525 -16.10 -6.37 -8.95
CA CYS A 525 -17.43 -6.95 -9.01
C CYS A 525 -18.38 -5.98 -9.69
N GLY A 526 -19.41 -6.54 -10.33
CA GLY A 526 -20.41 -5.74 -11.00
C GLY A 526 -21.40 -5.14 -10.02
N PRO A 527 -21.87 -3.92 -10.33
CA PRO A 527 -22.85 -3.28 -9.43
C PRO A 527 -24.14 -4.06 -9.28
N LYS A 528 -24.58 -4.75 -10.31
CA LYS A 528 -25.80 -5.54 -10.24
C LYS A 528 -25.52 -7.02 -10.50
N GLN B 23 -1.09 16.67 4.70
CA GLN B 23 -0.93 18.03 4.20
C GLN B 23 0.36 18.65 4.72
N VAL B 24 1.44 18.50 3.97
CA VAL B 24 2.72 19.05 4.38
C VAL B 24 2.78 20.53 4.06
N GLN B 25 3.20 21.34 5.03
CA GLN B 25 3.35 22.77 4.86
C GLN B 25 4.81 23.14 5.01
N LEU B 26 5.36 23.86 4.03
CA LEU B 26 6.76 24.24 4.01
C LEU B 26 6.88 25.71 4.43
N VAL B 27 7.64 25.94 5.50
CA VAL B 27 7.89 27.28 6.02
C VAL B 27 9.35 27.59 5.77
N GLU B 28 9.61 28.70 5.09
CA GLU B 28 10.98 29.12 4.81
C GLU B 28 11.45 30.14 5.85
N SER B 29 12.64 29.92 6.39
CA SER B 29 13.20 30.82 7.38
C SER B 29 14.66 31.07 7.07
N GLY B 30 15.16 32.22 7.53
CA GLY B 30 16.54 32.61 7.33
C GLY B 30 16.80 33.47 6.11
N GLY B 31 15.76 33.76 5.31
CA GLY B 31 15.95 34.57 4.13
C GLY B 31 15.89 36.06 4.41
N GLY B 32 16.97 36.78 4.08
CA GLY B 32 17.01 38.21 4.28
C GLY B 32 17.91 38.88 3.26
N LEU B 33 17.67 40.17 3.06
CA LEU B 33 18.48 40.94 2.13
C LEU B 33 19.88 41.15 2.71
N VAL B 34 20.90 40.76 1.93
CA VAL B 34 22.28 40.75 2.40
C VAL B 34 23.19 41.34 1.34
N GLN B 35 24.41 41.67 1.77
CA GLN B 35 25.43 42.20 0.88
C GLN B 35 26.09 41.07 0.09
N PRO B 36 26.75 41.39 -1.02
CA PRO B 36 27.52 40.37 -1.74
C PRO B 36 28.64 39.80 -0.88
N GLY B 37 28.93 38.52 -1.07
CA GLY B 37 29.96 37.84 -0.33
C GLY B 37 29.52 37.27 1.00
N GLU B 38 28.26 37.43 1.37
CA GLU B 38 27.78 36.95 2.66
C GLU B 38 27.42 35.46 2.58
N SER B 39 27.14 34.89 3.75
CA SER B 39 26.74 33.49 3.88
C SER B 39 25.36 33.46 4.53
N LEU B 40 24.42 32.78 3.89
CA LEU B 40 23.03 32.74 4.34
C LEU B 40 22.55 31.30 4.35
N ARG B 41 21.58 31.02 5.22
CA ARG B 41 20.94 29.71 5.28
C ARG B 41 19.43 29.86 5.10
N LEU B 42 18.85 28.97 4.31
CA LEU B 42 17.41 28.84 4.18
C LEU B 42 16.98 27.50 4.76
N SER B 43 16.09 27.55 5.76
CA SER B 43 15.53 26.35 6.38
C SER B 43 14.10 26.19 5.87
N CYS B 44 13.82 25.03 5.28
CA CYS B 44 12.49 24.74 4.75
C CYS B 44 11.84 23.68 5.64
N ALA B 45 11.20 24.16 6.71
CA ALA B 45 10.59 23.25 7.67
C ALA B 45 9.30 22.68 7.12
N ALA B 46 9.11 21.38 7.30
CA ALA B 46 7.91 20.67 6.85
C ALA B 46 6.95 20.57 8.02
N SER B 47 5.89 21.38 7.97
CA SER B 47 4.96 21.44 9.10
C SER B 47 4.07 20.20 9.18
N GLY B 48 3.56 19.74 8.04
CA GLY B 48 2.67 18.60 8.05
C GLY B 48 3.40 17.29 8.29
N SER B 49 2.67 16.29 8.79
CA SER B 49 3.26 14.99 9.05
C SER B 49 3.55 14.26 7.75
N ILE B 50 4.54 13.37 7.78
CA ILE B 50 5.02 12.68 6.59
C ILE B 50 5.22 11.21 6.90
N PHE B 51 4.94 10.35 5.92
CA PHE B 51 5.43 8.97 5.99
C PHE B 51 6.92 8.91 5.67
N GLY B 52 7.34 9.54 4.58
CA GLY B 52 8.73 9.51 4.17
C GLY B 52 9.02 10.47 3.03
N ILE B 53 10.27 10.88 2.91
CA ILE B 53 10.67 11.92 1.96
C ILE B 53 11.50 11.26 0.86
N TYR B 54 11.15 11.56 -0.40
CA TYR B 54 11.99 11.13 -1.51
C TYR B 54 13.02 12.20 -1.87
N ALA B 55 12.56 13.39 -2.24
CA ALA B 55 13.47 14.45 -2.63
C ALA B 55 12.82 15.81 -2.39
N VAL B 56 13.66 16.79 -2.08
CA VAL B 56 13.25 18.17 -1.90
C VAL B 56 14.20 19.03 -2.73
N HIS B 57 13.65 19.87 -3.59
CA HIS B 57 14.50 20.63 -4.50
C HIS B 57 14.29 22.12 -4.48
N TRP B 58 15.38 22.84 -4.33
CA TRP B 58 15.34 24.30 -4.36
C TRP B 58 15.42 24.81 -5.79
N PHE B 59 14.61 25.84 -6.09
CA PHE B 59 14.60 26.47 -7.42
C PHE B 59 14.71 27.98 -7.28
N ARG B 60 15.31 28.64 -8.28
CA ARG B 60 15.57 30.07 -8.25
C ARG B 60 14.66 30.83 -9.22
N MET B 61 14.07 31.92 -8.72
CA MET B 61 13.58 33.04 -9.51
C MET B 61 14.51 34.22 -9.31
N ALA B 62 15.41 34.45 -10.26
CA ALA B 62 16.32 35.58 -10.21
C ALA B 62 16.03 36.48 -11.40
N PRO B 63 16.22 37.79 -11.25
CA PRO B 63 16.02 38.70 -12.39
C PRO B 63 16.94 38.31 -13.55
N GLY B 64 16.34 38.12 -14.72
CA GLY B 64 17.07 37.61 -15.86
C GLY B 64 17.29 36.10 -15.82
N LYS B 65 16.66 35.39 -14.89
CA LYS B 65 16.84 33.96 -14.76
C LYS B 65 15.47 33.27 -14.71
N GLU B 66 15.38 32.14 -15.41
CA GLU B 66 14.14 31.40 -15.55
C GLU B 66 14.01 30.35 -14.43
N ARG B 67 13.07 29.43 -14.59
CA ARG B 67 12.96 28.31 -13.68
C ARG B 67 14.20 27.44 -13.78
N GLU B 68 14.91 27.31 -12.67
CA GLU B 68 16.22 26.66 -12.68
C GLU B 68 16.41 25.90 -11.38
N PHE B 69 17.37 24.97 -11.40
CA PHE B 69 17.58 24.04 -10.30
C PHE B 69 18.69 24.57 -9.40
N THR B 70 18.31 25.00 -8.20
CA THR B 70 19.30 25.49 -7.24
C THR B 70 20.14 24.35 -6.68
N ALA B 71 19.49 23.44 -5.96
CA ALA B 71 20.19 22.36 -5.29
C ALA B 71 19.19 21.27 -4.94
N GLY B 72 19.71 20.05 -4.81
CA GLY B 72 18.90 18.89 -4.50
C GLY B 72 19.68 17.61 -4.63
N PHE B 73 19.16 16.61 -5.33
CA PHE B 73 19.95 15.40 -5.51
C PHE B 73 20.25 15.07 -6.97
N GLY B 74 20.68 13.84 -7.23
CA GLY B 74 21.00 13.44 -8.58
C GLY B 74 22.33 12.73 -8.67
N GLY B 77 19.99 10.86 -6.22
CA GLY B 77 20.70 10.19 -5.14
C GLY B 77 21.69 11.08 -4.43
N SER B 78 22.93 11.09 -4.93
CA SER B 78 23.96 11.94 -4.35
C SER B 78 23.60 13.41 -4.53
N THR B 79 24.01 14.23 -3.55
CA THR B 79 23.63 15.63 -3.54
C THR B 79 24.23 16.37 -4.73
N ASN B 80 23.39 17.22 -5.34
CA ASN B 80 23.81 18.01 -6.50
C ASN B 80 23.50 19.49 -6.35
N TYR B 81 24.35 20.34 -6.92
CA TYR B 81 24.18 21.79 -6.89
C TYR B 81 24.36 22.35 -8.30
N ALA B 82 24.18 23.67 -8.41
CA ALA B 82 24.21 24.32 -9.72
C ALA B 82 25.63 24.67 -10.13
N ALA B 83 25.77 25.11 -11.39
CA ALA B 83 27.08 25.45 -11.93
C ALA B 83 27.57 26.78 -11.38
N SER B 84 28.89 26.88 -11.19
CA SER B 84 29.63 28.05 -10.71
C SER B 84 29.32 28.37 -9.26
N VAL B 85 28.37 27.66 -8.63
CA VAL B 85 28.01 27.84 -7.24
C VAL B 85 27.92 26.53 -6.49
N LYS B 86 28.44 25.45 -7.09
CA LYS B 86 28.36 24.13 -6.45
C LYS B 86 29.12 24.12 -5.13
N GLY B 87 30.31 24.71 -5.10
CA GLY B 87 31.04 24.81 -3.86
C GLY B 87 30.36 25.72 -2.85
N ARG B 88 29.79 26.82 -3.33
CA ARG B 88 29.09 27.74 -2.43
C ARG B 88 27.88 27.09 -1.81
N PHE B 89 27.15 26.28 -2.58
CA PHE B 89 25.93 25.66 -2.07
C PHE B 89 26.27 24.49 -1.15
N THR B 90 25.46 24.31 -0.11
CA THR B 90 25.62 23.23 0.84
C THR B 90 24.24 22.73 1.25
N MET B 91 24.01 21.43 1.15
CA MET B 91 22.74 20.80 1.48
C MET B 91 22.87 20.06 2.80
N SER B 92 21.94 20.31 3.71
CA SER B 92 21.86 19.61 4.99
C SER B 92 20.47 18.99 5.07
N ARG B 93 20.38 17.72 4.71
CA ARG B 93 19.12 17.00 4.79
C ARG B 93 18.98 16.38 6.17
N ASP B 94 17.90 16.73 6.86
CA ASP B 94 17.63 16.27 8.22
C ASP B 94 16.31 15.51 8.24
N ASN B 95 16.40 14.19 8.43
CA ASN B 95 15.22 13.34 8.44
C ASN B 95 14.61 13.20 9.84
N ALA B 96 15.24 13.75 10.86
CA ALA B 96 14.71 13.70 12.22
C ALA B 96 13.88 14.93 12.56
N LYS B 97 14.40 16.12 12.27
CA LYS B 97 13.66 17.36 12.52
C LYS B 97 12.80 17.79 11.35
N ASN B 98 12.86 17.08 10.22
CA ASN B 98 12.00 17.35 9.06
C ASN B 98 12.19 18.77 8.53
N THR B 99 13.42 19.28 8.62
CA THR B 99 13.76 20.59 8.08
C THR B 99 15.04 20.46 7.27
N THR B 100 14.99 20.85 6.00
CA THR B 100 16.18 20.86 5.17
C THR B 100 16.83 22.23 5.21
N TYR B 101 18.17 22.24 5.11
CA TYR B 101 18.96 23.46 5.22
C TYR B 101 19.75 23.67 3.94
N LEU B 102 19.73 24.88 3.42
CA LEU B 102 20.54 25.27 2.26
C LEU B 102 21.44 26.42 2.66
N GLN B 103 22.74 26.23 2.50
CA GLN B 103 23.73 27.25 2.83
C GLN B 103 24.38 27.77 1.56
N MET B 104 24.22 29.05 1.28
CA MET B 104 24.87 29.68 0.14
C MET B 104 25.85 30.74 0.64
N ASN B 105 27.08 30.69 0.12
CA ASN B 105 28.18 31.48 0.62
C ASN B 105 28.81 32.26 -0.51
N SER B 106 29.55 33.31 -0.14
CA SER B 106 30.18 34.22 -1.10
C SER B 106 29.16 34.73 -2.12
N LEU B 107 28.14 35.38 -1.58
CA LEU B 107 26.99 35.77 -2.37
C LEU B 107 27.35 36.85 -3.40
N LYS B 108 26.58 36.89 -4.47
CA LYS B 108 26.74 37.82 -5.57
C LYS B 108 25.37 38.40 -5.92
N PRO B 109 25.33 39.56 -6.59
CA PRO B 109 24.03 40.12 -7.00
C PRO B 109 23.23 39.17 -7.88
N ALA B 110 23.89 38.29 -8.63
CA ALA B 110 23.18 37.30 -9.43
C ALA B 110 22.39 36.34 -8.55
N ASP B 111 22.74 36.23 -7.27
CA ASP B 111 22.04 35.34 -6.36
C ASP B 111 20.79 35.95 -5.77
N THR B 112 20.47 37.20 -6.10
CA THR B 112 19.17 37.78 -5.75
C THR B 112 18.07 36.94 -6.36
N ALA B 113 17.31 36.25 -5.53
CA ALA B 113 16.34 35.29 -6.07
C ALA B 113 15.31 34.95 -5.01
N VAL B 114 14.14 34.53 -5.50
CA VAL B 114 13.14 33.82 -4.72
C VAL B 114 13.51 32.34 -4.78
N TYR B 115 13.82 31.76 -3.63
CA TYR B 115 14.20 30.35 -3.55
C TYR B 115 12.98 29.53 -3.20
N TYR B 116 12.34 28.99 -4.23
CA TYR B 116 11.13 28.19 -4.09
C TYR B 116 11.49 26.80 -3.58
N CYS B 117 10.84 26.40 -2.49
CA CYS B 117 10.89 25.04 -2.01
C CYS B 117 10.04 24.13 -2.89
N HIS B 118 10.43 22.86 -2.98
CA HIS B 118 9.63 21.86 -3.69
C HIS B 118 10.00 20.50 -3.11
N ALA B 119 9.12 19.95 -2.29
CA ALA B 119 9.36 18.70 -1.57
C ALA B 119 8.47 17.62 -2.16
N LEU B 120 9.08 16.52 -2.58
CA LEU B 120 8.35 15.39 -3.13
C LEU B 120 8.23 14.34 -2.02
N ILE B 121 7.08 14.31 -1.35
CA ILE B 121 6.91 13.55 -0.12
C ILE B 121 5.66 12.67 -0.24
N LYS B 122 5.78 11.42 0.20
CA LYS B 122 4.59 10.58 0.33
C LYS B 122 4.14 10.58 1.79
N ASN B 123 2.90 10.97 2.01
CA ASN B 123 2.39 11.22 3.35
C ASN B 123 1.05 10.52 3.57
N GLU B 124 0.42 10.85 4.69
CA GLU B 124 -0.82 10.23 5.15
C GLU B 124 -1.92 10.32 4.10
N LEU B 125 -2.18 11.53 3.58
CA LEU B 125 -3.15 11.65 2.51
C LEU B 125 -2.68 10.92 1.26
N GLY B 126 -1.40 11.04 0.93
CA GLY B 126 -0.84 10.30 -0.18
C GLY B 126 0.45 10.88 -0.73
N PHE B 127 1.06 10.17 -1.67
CA PHE B 127 2.21 10.70 -2.38
C PHE B 127 1.85 12.00 -3.07
N LEU B 128 2.70 13.02 -2.91
CA LEU B 128 2.40 14.34 -3.42
C LEU B 128 3.71 15.11 -3.57
N ASP B 129 3.64 16.21 -4.32
CA ASP B 129 4.71 17.20 -4.39
C ASP B 129 4.14 18.53 -3.91
N TYR B 130 4.84 19.19 -3.01
CA TYR B 130 4.36 20.44 -2.42
C TYR B 130 5.39 21.54 -2.68
N TRP B 131 4.90 22.71 -3.08
CA TRP B 131 5.73 23.85 -3.43
C TRP B 131 5.69 24.87 -2.30
N GLY B 132 6.85 25.26 -1.80
CA GLY B 132 6.94 26.29 -0.79
C GLY B 132 6.71 27.66 -1.38
N PRO B 133 6.16 28.57 -0.58
CA PRO B 133 5.93 29.93 -1.07
C PRO B 133 7.20 30.65 -1.50
N GLY B 134 8.33 30.33 -0.90
CA GLY B 134 9.60 30.91 -1.32
C GLY B 134 9.87 32.24 -0.65
N THR B 135 11.17 32.59 -0.58
CA THR B 135 11.62 33.85 -0.03
C THR B 135 12.57 34.51 -1.01
N GLN B 136 12.46 35.84 -1.14
CA GLN B 136 13.27 36.62 -2.05
C GLN B 136 14.41 37.28 -1.26
N VAL B 137 15.64 37.07 -1.72
CA VAL B 137 16.81 37.71 -1.14
C VAL B 137 17.46 38.59 -2.20
N THR B 138 17.71 39.85 -1.86
CA THR B 138 18.24 40.83 -2.79
C THR B 138 19.70 41.08 -2.47
N VAL B 139 20.57 40.91 -3.48
CA VAL B 139 22.00 41.15 -3.36
C VAL B 139 22.40 42.16 -4.43
N SER B 140 23.23 43.12 -4.05
CA SER B 140 23.67 44.15 -4.99
C SER B 140 25.11 44.56 -4.72
N CYS C 15 12.29 -4.96 18.26
CA CYS C 15 11.95 -6.24 18.86
C CYS C 15 12.97 -6.66 19.91
N VAL C 16 12.52 -6.77 21.16
CA VAL C 16 13.38 -7.18 22.26
C VAL C 16 13.30 -8.70 22.35
N ASN C 17 14.32 -9.39 21.82
CA ASN C 17 14.35 -10.84 21.87
C ASN C 17 14.54 -11.31 23.31
N LEU C 18 13.81 -12.36 23.68
CA LEU C 18 13.87 -12.90 25.02
C LEU C 18 14.92 -14.01 25.10
N THR C 19 15.56 -14.11 26.27
CA THR C 19 16.56 -15.14 26.51
C THR C 19 15.95 -16.36 27.18
N ALA C 27 2.05 -35.64 23.84
CA ALA C 27 1.06 -34.59 24.01
C ALA C 27 -0.09 -34.75 23.01
N TYR C 28 -0.55 -35.99 22.85
CA TYR C 28 -1.63 -36.30 21.92
C TYR C 28 -2.70 -37.11 22.66
N THR C 29 -3.96 -36.90 22.29
CA THR C 29 -5.10 -37.56 22.90
C THR C 29 -5.94 -38.20 21.81
N ASN C 30 -6.55 -39.35 22.14
CA ASN C 30 -7.39 -40.07 21.18
C ASN C 30 -8.47 -39.15 20.63
N SER C 31 -8.35 -38.83 19.34
CA SER C 31 -9.02 -37.69 18.74
C SER C 31 -10.18 -38.17 17.87
N PHE C 32 -11.36 -38.28 18.45
CA PHE C 32 -12.54 -38.67 17.68
C PHE C 32 -13.63 -37.58 17.67
N THR C 33 -14.40 -37.47 16.59
CA THR C 33 -15.54 -36.51 16.49
C THR C 33 -15.22 -35.00 16.78
N ARG C 34 -14.11 -34.51 16.26
CA ARG C 34 -13.74 -33.11 16.51
C ARG C 34 -13.75 -32.18 15.31
N GLY C 35 -14.43 -31.05 15.45
CA GLY C 35 -14.41 -30.03 14.41
C GLY C 35 -14.83 -30.34 12.98
N VAL C 36 -15.86 -31.15 12.81
CA VAL C 36 -16.34 -31.36 11.46
C VAL C 36 -17.09 -30.10 11.06
N TYR C 37 -16.60 -29.43 10.03
CA TYR C 37 -17.22 -28.17 9.64
C TYR C 37 -18.44 -28.40 8.75
N TYR C 38 -19.31 -27.41 8.71
CA TYR C 38 -20.41 -27.42 7.76
C TYR C 38 -19.87 -27.18 6.36
N PRO C 39 -20.17 -28.04 5.39
CA PRO C 39 -19.61 -27.87 4.05
C PRO C 39 -20.32 -26.82 3.22
N ASP C 40 -21.63 -26.67 3.41
CA ASP C 40 -22.45 -25.79 2.59
C ASP C 40 -23.26 -24.86 3.50
N LYS C 41 -23.49 -23.63 3.01
CA LYS C 41 -24.24 -22.66 3.80
C LYS C 41 -25.74 -22.80 3.58
N VAL C 42 -26.16 -23.22 2.37
CA VAL C 42 -27.58 -23.35 2.08
C VAL C 42 -28.21 -24.37 3.03
N PHE C 43 -29.42 -24.04 3.46
CA PHE C 43 -30.11 -24.88 4.45
C PHE C 43 -30.54 -26.25 4.00
N ARG C 44 -30.33 -27.23 4.88
CA ARG C 44 -30.75 -28.61 4.60
C ARG C 44 -31.33 -29.19 5.88
N SER C 45 -32.15 -30.24 5.75
CA SER C 45 -32.82 -30.78 6.92
C SER C 45 -32.98 -32.29 6.95
N SER C 46 -32.85 -32.89 8.12
CA SER C 46 -33.06 -34.34 8.28
C SER C 46 -32.71 -35.27 7.12
N VAL C 47 -31.44 -35.29 6.72
CA VAL C 47 -31.03 -36.24 5.69
C VAL C 47 -29.63 -36.72 6.02
N LEU C 48 -29.34 -37.98 5.66
CA LEU C 48 -28.00 -38.54 5.78
C LEU C 48 -27.22 -38.20 4.52
N HIS C 49 -26.22 -37.33 4.65
CA HIS C 49 -25.42 -36.90 3.52
C HIS C 49 -23.98 -37.37 3.68
N SER C 50 -23.36 -37.76 2.58
CA SER C 50 -21.96 -38.16 2.53
C SER C 50 -21.21 -37.23 1.61
N THR C 51 -20.04 -36.77 2.06
CA THR C 51 -19.14 -35.97 1.23
C THR C 51 -17.71 -36.40 1.51
N GLN C 52 -16.90 -36.51 0.45
CA GLN C 52 -15.50 -36.87 0.60
C GLN C 52 -14.67 -35.60 0.51
N ASP C 53 -14.02 -35.26 1.61
CA ASP C 53 -13.25 -34.03 1.68
C ASP C 53 -12.21 -34.15 2.78
N LEU C 54 -11.25 -33.24 2.76
CA LEU C 54 -10.23 -33.19 3.80
C LEU C 54 -10.89 -33.03 5.16
N PHE C 55 -10.85 -34.09 5.96
CA PHE C 55 -11.51 -34.14 7.27
C PHE C 55 -10.54 -34.71 8.28
N LEU C 56 -10.80 -34.45 9.56
CA LEU C 56 -9.98 -35.02 10.61
C LEU C 56 -10.54 -36.41 10.92
N PRO C 57 -9.69 -37.43 10.80
CA PRO C 57 -10.18 -38.81 11.04
C PRO C 57 -10.62 -39.01 12.47
N PHE C 58 -11.55 -39.94 12.65
CA PHE C 58 -11.93 -40.33 14.00
C PHE C 58 -10.77 -41.03 14.69
N PHE C 59 -10.61 -40.75 15.98
CA PHE C 59 -9.54 -41.35 16.78
C PHE C 59 -8.17 -41.05 16.17
N SER C 60 -8.04 -39.87 15.57
CA SER C 60 -6.85 -39.54 14.81
C SER C 60 -5.65 -39.29 15.71
N ASN C 61 -5.89 -39.15 17.01
CA ASN C 61 -4.82 -39.00 18.00
C ASN C 61 -3.95 -37.79 17.70
N VAL C 62 -4.56 -36.71 17.21
CA VAL C 62 -3.82 -35.54 16.77
C VAL C 62 -3.20 -34.84 17.97
N THR C 63 -2.25 -33.94 17.71
CA THR C 63 -1.45 -33.37 18.78
C THR C 63 -2.14 -32.17 19.43
N TRP C 64 -1.71 -31.87 20.66
CA TRP C 64 -2.25 -30.81 21.49
C TRP C 64 -1.12 -29.93 21.99
N PHE C 65 -1.27 -28.62 21.82
CA PHE C 65 -0.22 -27.69 22.15
C PHE C 65 -0.65 -26.78 23.29
N HIS C 66 0.28 -25.96 23.76
CA HIS C 66 0.04 -25.08 24.89
C HIS C 66 1.01 -23.89 24.87
N ASP C 80 6.94 -21.28 24.19
CA ASP C 80 6.66 -22.70 23.98
C ASP C 80 5.79 -22.90 22.74
N ASN C 81 6.15 -22.22 21.65
CA ASN C 81 5.38 -22.26 20.42
C ASN C 81 6.30 -22.26 19.21
N PRO C 82 6.55 -23.40 18.58
CA PRO C 82 7.38 -23.42 17.37
C PRO C 82 6.56 -23.24 16.11
N VAL C 83 7.20 -22.78 15.03
CA VAL C 83 6.49 -22.65 13.77
C VAL C 83 6.14 -24.04 13.28
N LEU C 84 4.87 -24.27 12.99
CA LEU C 84 4.44 -25.60 12.59
C LEU C 84 4.09 -25.61 11.14
N PRO C 85 4.63 -26.57 10.40
CA PRO C 85 4.38 -26.55 8.97
C PRO C 85 2.91 -26.72 8.66
N PHE C 86 2.42 -25.99 7.68
CA PHE C 86 1.04 -26.13 7.29
C PHE C 86 1.11 -27.22 6.27
N ASN C 87 0.50 -28.36 6.58
CA ASN C 87 0.55 -29.48 5.67
C ASN C 87 -0.74 -29.44 4.95
N ASP C 88 -1.80 -29.77 5.65
CA ASP C 88 -3.14 -29.69 5.08
C ASP C 88 -3.87 -28.56 5.78
N GLY C 89 -5.18 -28.53 5.61
CA GLY C 89 -6.00 -27.69 6.47
C GLY C 89 -5.78 -28.06 7.92
N VAL C 90 -5.95 -27.08 8.81
CA VAL C 90 -5.55 -27.22 10.21
C VAL C 90 -6.75 -27.02 11.12
N TYR C 91 -6.82 -27.88 12.13
CA TYR C 91 -7.84 -27.75 13.15
C TYR C 91 -7.16 -27.14 14.35
N PHE C 92 -7.92 -26.53 15.23
CA PHE C 92 -7.36 -25.83 16.38
C PHE C 92 -8.41 -25.71 17.47
N ALA C 93 -7.95 -25.69 18.72
CA ALA C 93 -8.86 -25.64 19.87
C ALA C 93 -8.28 -24.78 20.99
N SER C 94 -9.17 -24.18 21.76
CA SER C 94 -8.85 -23.34 22.91
C SER C 94 -9.80 -23.72 24.04
N THR C 95 -9.26 -24.34 25.08
CA THR C 95 -10.10 -24.82 26.18
C THR C 95 -10.15 -23.82 27.33
N GLU C 96 -9.13 -22.97 27.45
CA GLU C 96 -8.96 -22.13 28.64
C GLU C 96 -10.09 -21.10 28.75
N LYS C 97 -10.52 -20.84 29.98
CA LYS C 97 -11.54 -19.83 30.20
C LYS C 97 -11.01 -18.43 29.93
N SER C 98 -9.83 -18.10 30.47
CA SER C 98 -9.27 -16.78 30.25
C SER C 98 -8.78 -16.64 28.81
N ASN C 99 -8.63 -15.39 28.38
CA ASN C 99 -8.18 -15.07 27.03
C ASN C 99 -6.74 -14.58 27.08
N ILE C 100 -5.83 -15.30 26.42
CA ILE C 100 -4.46 -14.86 26.29
C ILE C 100 -4.07 -14.89 24.82
N ILE C 101 -4.83 -15.63 24.02
CA ILE C 101 -4.50 -15.75 22.60
C ILE C 101 -4.68 -14.40 21.92
N ARG C 102 -3.64 -13.97 21.20
CA ARG C 102 -3.61 -12.64 20.60
C ARG C 102 -3.63 -12.73 19.08
N GLY C 103 -3.73 -13.92 18.52
CA GLY C 103 -3.71 -14.11 17.09
C GLY C 103 -2.70 -15.17 16.68
N TRP C 104 -2.39 -15.17 15.39
CA TRP C 104 -1.57 -16.19 14.76
C TRP C 104 -0.68 -15.53 13.72
N ILE C 105 0.18 -16.32 13.09
CA ILE C 105 1.13 -15.86 12.08
C ILE C 105 1.11 -16.87 10.94
N PHE C 106 1.06 -16.37 9.71
CA PHE C 106 0.95 -17.23 8.54
C PHE C 106 1.89 -16.72 7.44
N GLY C 107 2.98 -17.44 7.24
CA GLY C 107 3.95 -17.11 6.20
C GLY C 107 4.81 -18.29 5.84
N THR C 108 5.24 -18.36 4.57
CA THR C 108 6.07 -19.47 4.13
C THR C 108 7.42 -19.47 4.83
N THR C 109 8.04 -18.29 4.97
CA THR C 109 9.37 -18.17 5.55
C THR C 109 9.47 -16.86 6.32
N LEU C 110 10.48 -16.79 7.19
CA LEU C 110 10.72 -15.58 7.96
C LEU C 110 11.16 -14.43 7.07
N ASP C 111 11.70 -14.75 5.89
CA ASP C 111 12.17 -13.72 4.97
C ASP C 111 11.01 -12.87 4.49
N SER C 112 11.30 -11.59 4.20
CA SER C 112 10.25 -10.66 3.81
C SER C 112 9.56 -11.10 2.52
N LYS C 113 10.33 -11.55 1.53
CA LYS C 113 9.89 -11.79 0.16
C LYS C 113 8.52 -12.46 0.08
N THR C 114 8.30 -13.50 0.89
CA THR C 114 7.03 -14.19 0.88
C THR C 114 5.94 -13.34 1.54
N GLN C 115 4.79 -13.26 0.87
CA GLN C 115 3.65 -12.55 1.44
C GLN C 115 3.20 -13.27 2.71
N SER C 116 2.72 -12.49 3.68
CA SER C 116 2.41 -13.01 5.00
C SER C 116 1.03 -12.54 5.43
N LEU C 117 0.25 -13.47 5.98
CA LEU C 117 -1.09 -13.18 6.51
C LEU C 117 -0.96 -12.93 8.00
N LEU C 118 -0.91 -11.66 8.39
CA LEU C 118 -0.96 -11.28 9.79
C LEU C 118 -2.43 -11.19 10.18
N ILE C 119 -2.92 -12.25 10.83
CA ILE C 119 -4.18 -12.16 11.54
C ILE C 119 -3.96 -11.41 12.83
N VAL C 120 -4.87 -10.50 13.16
CA VAL C 120 -4.74 -9.62 14.30
C VAL C 120 -5.96 -9.81 15.19
N ASN C 121 -5.75 -10.43 16.35
CA ASN C 121 -6.80 -10.64 17.33
C ASN C 121 -6.45 -9.84 18.57
N ASN C 122 -6.79 -8.55 18.54
CA ASN C 122 -6.66 -7.63 19.65
C ASN C 122 -8.06 -7.25 20.11
N ALA C 123 -8.27 -7.27 21.43
CA ALA C 123 -9.58 -6.98 21.98
C ALA C 123 -10.09 -5.63 21.49
N THR C 124 -9.18 -4.69 21.25
CA THR C 124 -9.58 -3.42 20.65
C THR C 124 -9.95 -3.61 19.18
N ASN C 125 -9.09 -4.31 18.42
CA ASN C 125 -9.28 -4.39 16.97
C ASN C 125 -8.85 -5.77 16.47
N VAL C 126 -9.68 -6.37 15.61
CA VAL C 126 -9.34 -7.61 14.92
C VAL C 126 -9.24 -7.32 13.44
N VAL C 127 -8.04 -7.48 12.87
CA VAL C 127 -7.75 -7.03 11.51
C VAL C 127 -7.00 -8.11 10.75
N ILE C 128 -7.43 -8.37 9.52
CA ILE C 128 -6.72 -9.27 8.61
C ILE C 128 -5.82 -8.40 7.74
N LYS C 129 -4.52 -8.45 7.99
CA LYS C 129 -3.57 -7.62 7.24
C LYS C 129 -2.58 -8.51 6.52
N VAL C 130 -2.56 -8.44 5.19
CA VAL C 130 -1.68 -9.27 4.37
C VAL C 130 -0.62 -8.38 3.77
N CYS C 131 0.64 -8.64 4.12
CA CYS C 131 1.72 -7.74 3.73
C CYS C 131 2.98 -8.56 3.50
N GLU C 132 3.90 -8.00 2.72
CA GLU C 132 5.20 -8.64 2.54
C GLU C 132 6.05 -8.38 3.77
N PHE C 133 6.03 -9.32 4.71
CA PHE C 133 6.48 -9.11 6.07
C PHE C 133 7.82 -9.76 6.31
N GLN C 134 8.77 -8.99 6.84
CA GLN C 134 9.99 -9.52 7.43
C GLN C 134 9.76 -9.60 8.93
N PHE C 135 9.56 -10.82 9.44
CA PHE C 135 9.21 -11.01 10.84
C PHE C 135 10.44 -10.98 11.73
N CYS C 136 10.26 -10.53 12.96
CA CYS C 136 11.33 -10.55 13.94
C CYS C 136 11.64 -11.98 14.35
N ASN C 137 12.82 -12.18 14.95
CA ASN C 137 13.27 -13.50 15.35
C ASN C 137 12.33 -14.12 16.37
N ASP C 138 11.83 -13.31 17.30
CA ASP C 138 10.89 -13.78 18.29
C ASP C 138 9.49 -13.28 17.97
N PRO C 139 8.48 -14.15 18.03
CA PRO C 139 7.16 -13.77 17.49
C PRO C 139 6.33 -12.91 18.41
N PHE C 140 6.53 -13.01 19.73
CA PHE C 140 5.58 -12.42 20.67
C PHE C 140 5.50 -10.91 20.52
N LEU C 141 4.29 -10.38 20.65
CA LEU C 141 4.02 -8.95 20.65
C LEU C 141 4.31 -8.41 22.05
N GLY C 142 4.16 -7.10 22.26
CA GLY C 142 4.42 -6.52 23.57
C GLY C 142 3.27 -5.70 24.13
N VAL C 143 3.07 -5.76 25.44
CA VAL C 143 2.01 -5.03 26.11
C VAL C 143 2.61 -4.27 27.29
N TYR C 144 2.01 -3.11 27.62
CA TYR C 144 2.51 -2.25 28.69
C TYR C 144 1.42 -1.28 29.11
N TYR C 145 1.59 -0.71 30.30
CA TYR C 145 0.66 0.29 30.80
C TYR C 145 1.20 1.70 30.57
N HIS C 146 0.32 2.69 30.67
CA HIS C 146 0.70 4.07 30.39
C HIS C 146 1.61 4.62 31.48
N LYS C 147 2.37 5.65 31.14
CA LYS C 147 3.28 6.28 32.10
C LYS C 147 2.50 6.86 33.27
N ASN C 148 1.62 7.83 32.99
CA ASN C 148 0.87 8.51 34.03
C ASN C 148 -0.54 7.96 34.21
N ASN C 149 -1.18 7.49 33.15
CA ASN C 149 -2.50 6.88 33.30
C ASN C 149 -2.44 5.41 33.67
N LYS C 150 -1.30 4.76 33.48
CA LYS C 150 -1.13 3.34 33.78
C LYS C 150 -2.14 2.50 33.00
N SER C 151 -2.61 3.03 31.88
CA SER C 151 -3.58 2.35 31.04
C SER C 151 -2.84 1.28 30.24
N TRP C 152 -3.26 0.03 30.40
CA TRP C 152 -2.55 -1.09 29.80
C TRP C 152 -2.69 -1.06 28.29
N MET C 153 -1.65 -0.58 27.60
CA MET C 153 -1.70 -0.46 26.15
C MET C 153 -1.04 -1.66 25.50
N GLU C 154 -1.76 -2.29 24.57
CA GLU C 154 -1.25 -3.41 23.79
C GLU C 154 -0.88 -2.99 22.37
N SER C 155 -0.72 -1.68 22.13
CA SER C 155 -0.49 -1.19 20.78
C SER C 155 0.86 -1.64 20.23
N GLU C 156 1.90 -1.60 21.07
CA GLU C 156 3.24 -1.91 20.59
C GLU C 156 3.31 -3.33 20.06
N PHE C 157 3.93 -3.50 18.90
CA PHE C 157 4.06 -4.79 18.25
C PHE C 157 5.53 -5.16 18.19
N ARG C 158 5.83 -6.44 18.35
CA ARG C 158 7.17 -6.96 18.19
C ARG C 158 7.16 -8.21 17.31
N VAL C 159 6.23 -8.26 16.36
CA VAL C 159 6.06 -9.45 15.53
C VAL C 159 6.97 -9.40 14.32
N TYR C 160 6.82 -8.36 13.49
CA TYR C 160 7.57 -8.24 12.26
C TYR C 160 8.57 -7.10 12.38
N SER C 161 9.78 -7.32 11.86
CA SER C 161 10.77 -6.25 11.83
C SER C 161 10.43 -5.21 10.77
N SER C 162 9.92 -5.65 9.62
CA SER C 162 9.68 -4.74 8.52
C SER C 162 8.45 -5.17 7.73
N ALA C 163 7.85 -4.21 7.02
CA ALA C 163 6.72 -4.44 6.14
C ALA C 163 7.11 -3.93 4.75
N ASN C 164 7.39 -4.85 3.83
CA ASN C 164 7.90 -4.46 2.53
C ASN C 164 6.77 -4.01 1.59
N ASN C 165 5.87 -4.93 1.25
CA ASN C 165 4.76 -4.62 0.35
C ASN C 165 3.48 -5.11 1.01
N CYS C 166 2.62 -4.20 1.43
CA CYS C 166 1.37 -4.58 2.11
C CYS C 166 0.15 -4.63 1.21
N THR C 167 -0.09 -5.77 0.57
CA THR C 167 -1.24 -5.91 -0.36
C THR C 167 -2.67 -5.82 0.20
N PHE C 168 -2.96 -6.36 1.38
CA PHE C 168 -4.36 -6.42 1.83
C PHE C 168 -4.72 -5.91 3.23
N GLU C 169 -5.95 -5.38 3.38
CA GLU C 169 -6.41 -4.93 4.68
C GLU C 169 -7.91 -5.22 4.80
N TYR C 170 -8.31 -5.83 5.91
CA TYR C 170 -9.71 -6.07 6.22
C TYR C 170 -9.96 -5.85 7.69
N VAL C 171 -11.06 -5.17 8.01
CA VAL C 171 -11.51 -5.00 9.38
C VAL C 171 -12.75 -5.89 9.56
N SER C 172 -12.60 -6.93 10.37
CA SER C 172 -13.67 -7.87 10.63
C SER C 172 -14.31 -7.59 11.98
N GLN C 173 -15.33 -8.36 12.31
CA GLN C 173 -15.97 -8.24 13.62
C GLN C 173 -15.01 -8.71 14.70
N PRO C 174 -14.81 -7.92 15.76
CA PRO C 174 -13.96 -8.38 16.86
C PRO C 174 -14.61 -9.50 17.65
N PHE C 175 -14.10 -10.72 17.49
CA PHE C 175 -14.64 -11.89 18.18
C PHE C 175 -13.74 -12.28 19.34
N LEU C 176 -14.36 -12.86 20.35
CA LEU C 176 -13.64 -13.29 21.55
C LEU C 176 -12.58 -14.35 21.21
N GLY C 184 -11.25 -23.42 39.03
CA GLY C 184 -12.21 -22.91 38.08
C GLY C 184 -12.21 -23.67 36.77
N ASN C 185 -13.33 -24.31 36.45
CA ASN C 185 -13.43 -25.07 35.21
C ASN C 185 -13.38 -24.15 34.01
N PHE C 186 -12.60 -24.55 32.99
CA PHE C 186 -12.45 -23.77 31.77
C PHE C 186 -13.54 -24.22 30.80
N LYS C 187 -14.75 -23.73 31.04
CA LYS C 187 -15.93 -24.28 30.38
C LYS C 187 -15.87 -24.09 28.86
N ASN C 188 -15.49 -22.89 28.41
CA ASN C 188 -15.59 -22.55 27.00
C ASN C 188 -14.64 -23.39 26.16
N LEU C 189 -15.03 -23.60 24.90
CA LEU C 189 -14.20 -24.26 23.91
C LEU C 189 -14.31 -23.47 22.62
N ARG C 190 -13.19 -22.97 22.13
CA ARG C 190 -13.11 -22.30 20.84
C ARG C 190 -12.46 -23.24 19.84
N GLU C 191 -13.17 -23.57 18.77
CA GLU C 191 -12.66 -24.50 17.79
C GLU C 191 -12.68 -23.89 16.40
N PHE C 192 -11.58 -24.09 15.67
CA PHE C 192 -11.30 -23.39 14.43
C PHE C 192 -10.70 -24.35 13.42
N VAL C 193 -10.90 -24.04 12.14
CA VAL C 193 -10.26 -24.76 11.03
C VAL C 193 -9.87 -23.73 9.98
N PHE C 194 -8.64 -23.83 9.49
CA PHE C 194 -8.19 -23.01 8.35
C PHE C 194 -7.93 -23.91 7.16
N LYS C 195 -8.44 -23.49 6.00
CA LYS C 195 -8.31 -24.26 4.77
C LYS C 195 -7.94 -23.34 3.62
N ASN C 196 -6.72 -23.48 3.10
CA ASN C 196 -6.20 -22.56 2.08
C ASN C 196 -5.99 -23.30 0.77
N ILE C 197 -7.01 -23.29 -0.09
CA ILE C 197 -6.93 -23.93 -1.40
C ILE C 197 -7.71 -23.08 -2.41
N ASP C 198 -7.25 -23.10 -3.66
CA ASP C 198 -7.96 -22.48 -4.78
C ASP C 198 -8.04 -20.97 -4.62
N GLY C 199 -6.94 -20.37 -4.16
CA GLY C 199 -6.94 -18.95 -3.88
C GLY C 199 -7.92 -18.53 -2.80
N TYR C 200 -8.57 -19.48 -2.14
CA TYR C 200 -9.56 -19.21 -1.11
C TYR C 200 -9.07 -19.75 0.22
N PHE C 201 -9.06 -18.88 1.22
CA PHE C 201 -8.68 -19.24 2.58
C PHE C 201 -9.93 -19.18 3.44
N LYS C 202 -10.31 -20.32 4.01
CA LYS C 202 -11.59 -20.50 4.67
C LYS C 202 -11.36 -20.62 6.17
N ILE C 203 -12.16 -19.88 6.94
CA ILE C 203 -12.11 -19.87 8.40
C ILE C 203 -13.41 -20.50 8.89
N TYR C 204 -13.30 -21.67 9.50
CA TYR C 204 -14.45 -22.39 10.04
C TYR C 204 -14.40 -22.27 11.56
N SER C 205 -15.39 -21.63 12.16
CA SER C 205 -15.29 -21.25 13.56
C SER C 205 -16.53 -21.69 14.32
N LYS C 206 -16.32 -22.06 15.59
CA LYS C 206 -17.43 -22.36 16.48
C LYS C 206 -16.93 -22.26 17.92
N HIS C 207 -17.88 -22.09 18.85
CA HIS C 207 -17.56 -21.98 20.27
C HIS C 207 -18.70 -22.60 21.07
N THR C 208 -18.33 -23.33 22.13
CA THR C 208 -19.31 -23.94 23.02
C THR C 208 -18.71 -24.21 24.39
N PRO C 209 -19.36 -23.76 25.46
CA PRO C 209 -18.85 -24.05 26.81
C PRO C 209 -19.27 -25.42 27.31
N ILE C 210 -18.35 -26.13 27.96
CA ILE C 210 -18.67 -27.35 28.69
C ILE C 210 -17.95 -27.32 30.04
N ASN C 211 -18.72 -27.48 31.12
CA ASN C 211 -18.15 -27.32 32.46
C ASN C 211 -17.08 -28.39 32.75
N LEU C 212 -17.10 -29.48 32.00
CA LEU C 212 -16.10 -30.53 32.16
C LEU C 212 -14.70 -29.99 31.91
N VAL C 213 -13.78 -30.31 32.81
CA VAL C 213 -12.40 -29.85 32.70
C VAL C 213 -11.65 -30.85 31.82
N ARG C 214 -12.29 -32.00 31.57
CA ARG C 214 -11.65 -33.04 30.79
C ARG C 214 -11.30 -32.49 29.40
N ASP C 215 -10.12 -32.88 28.91
CA ASP C 215 -9.52 -32.18 27.77
C ASP C 215 -10.37 -32.30 26.51
N LEU C 216 -10.94 -33.46 26.22
CA LEU C 216 -11.63 -33.66 24.95
C LEU C 216 -13.00 -34.29 25.09
N PRO C 217 -14.05 -33.50 24.94
CA PRO C 217 -15.41 -34.01 25.15
C PRO C 217 -15.85 -35.09 24.17
N GLN C 218 -16.62 -36.06 24.66
CA GLN C 218 -17.16 -37.10 23.79
C GLN C 218 -18.11 -36.55 22.73
N GLY C 219 -18.91 -35.54 23.09
CA GLY C 219 -19.92 -35.01 22.17
C GLY C 219 -19.51 -34.36 20.87
N PHE C 220 -20.34 -34.48 19.84
CA PHE C 220 -20.01 -33.97 18.50
C PHE C 220 -19.78 -32.47 18.36
N SER C 221 -18.85 -32.11 17.48
CA SER C 221 -18.54 -30.68 17.26
C SER C 221 -18.90 -30.17 15.86
N ALA C 222 -20.02 -29.45 15.74
CA ALA C 222 -20.46 -28.89 14.47
C ALA C 222 -19.88 -27.49 14.33
N LEU C 223 -19.24 -27.23 13.20
CA LEU C 223 -18.41 -26.04 13.02
C LEU C 223 -18.86 -25.24 11.81
N GLU C 224 -19.01 -23.93 12.01
CA GLU C 224 -19.56 -23.01 11.01
C GLU C 224 -18.45 -22.19 10.37
N PRO C 225 -18.49 -21.89 9.07
CA PRO C 225 -17.47 -21.00 8.48
C PRO C 225 -17.64 -19.54 8.90
N LEU C 226 -16.53 -18.90 9.27
CA LEU C 226 -16.60 -17.51 9.70
C LEU C 226 -16.29 -16.54 8.55
N VAL C 227 -15.09 -16.64 7.98
CA VAL C 227 -14.63 -15.68 6.97
C VAL C 227 -14.03 -16.41 5.79
N ASP C 228 -13.98 -15.75 4.63
CA ASP C 228 -13.25 -16.23 3.48
C ASP C 228 -12.33 -15.12 2.97
N LEU C 229 -11.11 -15.50 2.60
CA LEU C 229 -10.10 -14.60 2.09
C LEU C 229 -9.74 -14.97 0.65
N PRO C 230 -9.83 -14.04 -0.29
CA PRO C 230 -9.45 -14.33 -1.68
C PRO C 230 -7.98 -14.08 -1.99
N ILE C 231 -7.14 -13.88 -0.99
CA ILE C 231 -5.73 -13.57 -1.23
C ILE C 231 -5.02 -14.73 -1.89
N GLY C 232 -5.26 -15.95 -1.42
CA GLY C 232 -4.62 -17.13 -1.99
C GLY C 232 -3.11 -17.10 -1.94
N ILE C 233 -2.54 -16.74 -0.80
CA ILE C 233 -1.09 -16.65 -0.68
C ILE C 233 -0.51 -18.02 -0.38
N ASN C 234 0.63 -18.33 -0.99
CA ASN C 234 1.31 -19.60 -0.79
C ASN C 234 1.79 -19.70 0.65
N ILE C 235 1.19 -20.60 1.42
CA ILE C 235 1.49 -20.75 2.85
C ILE C 235 1.93 -22.19 3.06
N THR C 236 3.16 -22.34 3.52
CA THR C 236 3.68 -23.68 3.81
C THR C 236 3.89 -23.90 5.29
N ARG C 237 3.95 -22.82 6.07
CA ARG C 237 4.19 -22.94 7.51
C ARG C 237 3.26 -22.04 8.32
N PHE C 238 2.99 -22.41 9.57
CA PHE C 238 2.17 -21.56 10.44
C PHE C 238 2.64 -21.48 11.88
N GLN C 239 2.38 -20.35 12.53
CA GLN C 239 2.76 -20.16 13.92
C GLN C 239 1.59 -19.50 14.64
N THR C 240 1.58 -19.58 15.97
CA THR C 240 0.61 -18.81 16.73
C THR C 240 1.10 -17.38 16.89
N LEU C 241 0.42 -16.60 17.73
CA LEU C 241 0.87 -15.26 18.07
C LEU C 241 0.32 -14.90 19.44
N LEU C 242 1.17 -14.36 20.30
CA LEU C 242 0.80 -13.99 21.65
C LEU C 242 1.52 -12.70 22.04
N ALA C 243 1.05 -12.09 23.13
CA ALA C 243 1.67 -10.89 23.66
C ALA C 243 2.55 -11.25 24.85
N LEU C 244 3.41 -10.30 25.23
CA LEU C 244 4.35 -10.48 26.31
C LEU C 244 4.40 -9.21 27.15
N HIS C 245 4.50 -9.37 28.46
CA HIS C 245 4.56 -8.23 29.35
C HIS C 245 5.94 -7.58 29.27
N ARG C 246 6.00 -6.42 28.60
CA ARG C 246 7.24 -5.68 28.50
C ARG C 246 6.98 -4.18 28.37
N ALA C 264 -3.02 -26.34 25.69
CA ALA C 264 -4.40 -25.89 25.61
C ALA C 264 -4.80 -25.66 24.17
N TYR C 265 -4.12 -26.33 23.23
CA TYR C 265 -4.22 -25.97 21.83
C TYR C 265 -4.13 -27.25 20.98
N TYR C 266 -5.29 -27.83 20.68
CA TYR C 266 -5.34 -29.01 19.82
C TYR C 266 -4.90 -28.65 18.41
N VAL C 267 -4.10 -29.52 17.80
CA VAL C 267 -3.60 -29.33 16.45
C VAL C 267 -3.86 -30.60 15.66
N GLY C 268 -4.64 -30.48 14.59
CA GLY C 268 -4.94 -31.61 13.73
C GLY C 268 -4.94 -31.19 12.27
N TYR C 269 -4.70 -32.17 11.40
CA TYR C 269 -4.67 -31.89 9.97
C TYR C 269 -5.76 -32.64 9.23
N LEU C 270 -6.47 -31.93 8.38
CA LEU C 270 -7.56 -32.50 7.58
C LEU C 270 -7.03 -33.58 6.65
N GLN C 271 -7.80 -34.67 6.52
CA GLN C 271 -7.41 -35.83 5.73
C GLN C 271 -8.53 -36.18 4.75
N PRO C 272 -8.20 -36.55 3.53
CA PRO C 272 -9.26 -36.84 2.55
C PRO C 272 -9.95 -38.16 2.85
N ARG C 273 -11.23 -38.08 3.22
CA ARG C 273 -12.04 -39.25 3.49
C ARG C 273 -13.50 -38.82 3.52
N THR C 274 -14.37 -39.74 3.12
CA THR C 274 -15.81 -39.46 3.10
C THR C 274 -16.45 -39.84 4.42
N PHE C 275 -17.27 -38.93 4.94
CA PHE C 275 -17.93 -39.13 6.22
C PHE C 275 -19.42 -38.93 6.04
N LEU C 276 -20.20 -39.61 6.87
CA LEU C 276 -21.66 -39.53 6.81
C LEU C 276 -22.15 -38.58 7.89
N LEU C 277 -23.09 -37.72 7.53
CA LEU C 277 -23.64 -36.72 8.43
C LEU C 277 -25.15 -36.88 8.44
N LYS C 278 -25.76 -36.89 9.62
CA LYS C 278 -27.21 -36.83 9.70
C LYS C 278 -27.63 -35.43 10.11
N TYR C 279 -28.48 -34.80 9.30
CA TYR C 279 -28.90 -33.43 9.59
C TYR C 279 -30.12 -33.37 10.48
N ASN C 280 -30.19 -32.37 11.34
CA ASN C 280 -31.40 -32.17 12.16
C ASN C 280 -32.46 -31.43 11.38
N GLU C 281 -33.69 -31.44 11.87
CA GLU C 281 -34.72 -30.65 11.22
C GLU C 281 -34.29 -29.20 11.30
N ASN C 282 -33.78 -28.78 12.45
CA ASN C 282 -33.26 -27.42 12.56
C ASN C 282 -32.07 -27.24 11.62
N GLY C 283 -31.21 -28.25 11.51
CA GLY C 283 -30.08 -28.18 10.58
C GLY C 283 -28.74 -28.60 11.14
N THR C 284 -28.63 -28.68 12.47
CA THR C 284 -27.39 -29.05 13.13
C THR C 284 -26.96 -30.47 12.75
N ILE C 285 -25.66 -30.73 12.91
CA ILE C 285 -25.10 -32.04 12.65
C ILE C 285 -25.26 -32.86 13.93
N THR C 286 -26.37 -33.58 14.04
CA THR C 286 -26.62 -34.34 15.26
C THR C 286 -25.62 -35.48 15.41
N ASP C 287 -25.30 -36.19 14.33
CA ASP C 287 -24.33 -37.28 14.37
C ASP C 287 -23.49 -37.30 13.11
N ALA C 288 -22.19 -37.57 13.31
CA ALA C 288 -21.22 -37.74 12.23
C ALA C 288 -20.53 -39.08 12.43
N VAL C 289 -20.44 -39.87 11.35
CA VAL C 289 -19.84 -41.20 11.42
C VAL C 289 -18.91 -41.40 10.23
N ASP C 290 -18.07 -42.43 10.34
CA ASP C 290 -17.08 -42.76 9.32
C ASP C 290 -17.72 -43.02 7.96
C1 NAG D . 8.22 -5.52 -2.92
C2 NAG D . 7.95 -5.18 -4.37
C3 NAG D . 9.26 -5.08 -5.14
C4 NAG D . 10.22 -4.11 -4.45
C5 NAG D . 10.37 -4.47 -2.97
C6 NAG D . 11.18 -3.47 -2.18
C7 NAG D . 5.83 -5.89 -5.38
C8 NAG D . 5.36 -4.50 -5.16
N2 NAG D . 7.07 -6.17 -4.99
O3 NAG D . 8.99 -4.65 -6.47
O4 NAG D . 11.49 -4.18 -5.07
O5 NAG D . 9.07 -4.54 -2.34
O6 NAG D . 12.56 -3.62 -2.44
O7 NAG D . 5.11 -6.75 -5.90
C1 NAG D . 11.88 -2.89 -5.62
C2 NAG D . 11.48 -2.87 -7.10
C3 NAG D . 10.89 -1.51 -7.48
C4 NAG D . 11.64 -0.35 -6.82
C5 NAG D . 11.79 -0.55 -5.32
C6 NAG D . 11.06 0.49 -4.51
C7 NAG D . 12.93 -4.45 -8.29
C8 NAG D . 14.13 -4.60 -9.17
N2 NAG D . 12.62 -3.19 -7.94
O3 NAG D . 9.51 -1.47 -7.11
O4 NAG D . 12.92 -0.21 -7.40
O5 NAG D . 11.24 -1.82 -4.94
O6 NAG D . 11.69 1.76 -4.60
O7 NAG D . 12.29 -5.42 -7.89
C1 BMA D . 13.12 1.19 -7.75
C2 BMA D . 14.54 1.57 -7.31
C3 BMA D . 15.56 0.81 -8.14
C4 BMA D . 15.35 0.99 -9.66
C5 BMA D . 13.86 0.83 -10.10
C6 BMA D . 13.45 -0.61 -10.41
O2 BMA D . 14.77 1.22 -5.96
O3 BMA D . 15.58 -0.58 -7.80
O4 BMA D . 15.84 2.25 -10.07
O5 BMA D . 12.91 1.42 -9.15
O6 BMA D . 14.38 -1.15 -11.34
C1 NAG E . -3.79 -3.96 19.17
C2 NAG E . -4.08 -4.10 17.67
C3 NAG E . -3.71 -2.81 16.93
C4 NAG E . -4.49 -1.65 17.54
C5 NAG E . -4.05 -1.47 19.00
C6 NAG E . -5.20 -1.27 19.94
C7 NAG E . -2.02 -5.34 17.06
C8 NAG E . -1.48 -6.58 16.41
N2 NAG E . -3.35 -5.23 17.09
O3 NAG E . -4.02 -2.98 15.55
O4 NAG E . -4.22 -0.45 16.85
O5 NAG E . -3.29 -2.59 19.47
O6 NAG E . -6.06 -0.21 19.51
O7 NAG E . -1.28 -4.47 17.52
C1 NAG E . -5.18 -0.24 15.78
C2 NAG E . -5.40 1.26 15.56
C3 NAG E . -4.93 1.68 14.16
C4 NAG E . -5.58 0.83 13.08
C5 NAG E . -5.57 -0.64 13.48
C6 NAG E . -5.06 -1.54 12.38
C7 NAG E . -7.30 1.96 16.94
C8 NAG E . -8.76 2.29 16.97
N2 NAG E . -6.79 1.62 15.76
O3 NAG E . -3.52 1.58 14.09
O4 NAG E . -6.93 1.24 12.87
O5 NAG E . -4.68 -0.83 14.59
O6 NAG E . -3.65 -1.43 12.22
O7 NAG E . -6.61 1.98 17.96
C1 BMA E . -7.02 1.85 11.58
C2 BMA E . -8.26 1.28 10.87
C3 BMA E . -9.22 2.40 10.44
C4 BMA E . -8.53 3.65 9.81
C5 BMA E . -7.15 3.91 10.43
C6 BMA E . -6.86 5.38 10.66
O2 BMA E . -8.99 0.42 11.73
O3 BMA E . -10.08 2.80 11.51
O4 BMA E . -8.40 3.48 8.40
O5 BMA E . -7.10 3.25 11.69
O6 BMA E . -5.52 5.51 11.12
C1 NAG F . -35.30 -26.15 15.45
C2 NAG F . -36.78 -26.33 15.78
C3 NAG F . -37.52 -25.01 15.82
C4 NAG F . -36.81 -24.09 16.81
C5 NAG F . -35.41 -23.87 16.22
C6 NAG F . -34.57 -22.83 16.95
C7 NAG F . -37.60 -28.52 15.09
C8 NAG F . -38.93 -28.88 15.67
N2 NAG F . -37.41 -27.23 14.83
O3 NAG F . -38.88 -25.23 16.19
O4 NAG F . -37.62 -22.89 17.05
O5 NAG F . -34.73 -25.14 16.27
O6 NAG F . -35.10 -21.52 16.71
O7 NAG F . -36.73 -29.36 14.89
C1 NAG F . -37.98 -22.47 18.43
C2 NAG F . -38.58 -23.54 19.37
C3 NAG F . -38.95 -22.92 20.71
C4 NAG F . -37.76 -22.18 21.30
C5 NAG F . -37.25 -21.14 20.31
C6 NAG F . -36.03 -20.39 20.79
C7 NAG F . -40.31 -25.29 19.24
C8 NAG F . -41.50 -25.79 18.49
N2 NAG F . -39.75 -24.17 18.77
O3 NAG F . -39.37 -23.94 21.62
O4 NAG F . -38.14 -21.53 22.51
O5 NAG F . -36.88 -21.80 19.09
O6 NAG F . -35.33 -21.12 21.78
O7 NAG F . -39.87 -25.88 20.23
C1 BMA F . -37.68 -22.29 23.65
C2 BMA F . -37.88 -21.43 24.93
C3 BMA F . -37.57 -22.27 26.17
C4 BMA F . -38.30 -23.62 26.14
C5 BMA F . -37.96 -24.36 24.84
C6 BMA F . -38.68 -25.69 24.73
O2 BMA F . -39.23 -21.03 25.03
O3 BMA F . -37.91 -21.56 27.37
O4 BMA F . -37.89 -24.41 27.25
O5 BMA F . -38.38 -23.53 23.74
O6 BMA F . -40.07 -25.48 24.97
C1 NAG G . -16.22 14.67 -8.48
C2 NAG G . -17.55 15.21 -7.96
C3 NAG G . -18.63 15.09 -9.03
C4 NAG G . -18.17 15.77 -10.31
C5 NAG G . -16.82 15.22 -10.75
C6 NAG G . -16.24 15.96 -11.94
C7 NAG G . -17.89 15.08 -5.54
C8 NAG G . -18.35 14.22 -4.39
N2 NAG G . -17.96 14.52 -6.75
O3 NAG G . -19.83 15.69 -8.57
O4 NAG G . -19.14 15.59 -11.34
O5 NAG G . -15.86 15.36 -9.69
O6 NAG G . -17.25 16.61 -12.70
O7 NAG G . -17.47 16.22 -5.35
C1 NAG G . -19.28 14.20 -11.73
C2 NAG G . -20.76 13.84 -11.77
C3 NAG G . -20.94 12.39 -12.23
C4 NAG G . -20.22 12.16 -13.55
C5 NAG G . -18.76 12.59 -13.44
C6 NAG G . -18.02 12.50 -14.75
C7 NAG G . -22.44 14.86 -10.28
C8 NAG G . -22.93 15.58 -11.49
N2 NAG G . -21.39 14.05 -10.48
O3 NAG G . -22.33 12.12 -12.38
O4 NAG G . -20.28 10.79 -13.92
O5 NAG G . -18.69 13.96 -13.01
O6 NAG G . -17.96 11.17 -15.22
O7 NAG G . -22.94 15.02 -9.18
C1 NAG H . 4.95 -22.51 -2.42
C2 NAG H . 5.09 -22.95 -3.88
C3 NAG H . 5.80 -24.30 -3.95
C4 NAG H . 7.12 -24.24 -3.21
C5 NAG H . 6.91 -23.75 -1.78
C6 NAG H . 8.20 -23.54 -1.03
C7 NAG H . 3.24 -21.97 -5.16
C8 NAG H . 1.89 -22.21 -5.78
N2 NAG H . 3.79 -23.01 -4.53
O3 NAG H . 6.01 -24.64 -5.31
O4 NAG H . 7.72 -25.54 -3.17
O5 NAG H . 6.24 -22.47 -1.81
O6 NAG H . 9.21 -22.99 -1.86
O7 NAG H . 3.80 -20.88 -5.22
#